data_2F2L
#
_entry.id   2F2L
#
_cell.length_a   41.123
_cell.length_b   79.695
_cell.length_c   114.389
_cell.angle_alpha   90.00
_cell.angle_beta   90.00
_cell.angle_gamma   90.00
#
_symmetry.space_group_name_H-M   'P 21 21 21'
#
loop_
_entity.id
_entity.type
_entity.pdbx_description
1 polymer 'Peptidoglycan-recognition protein-LC isoform LCa'
2 polymer 'Peptidoglycan recognition protein-LC isoform LCx'
3 non-polymer 2-acetamido-2-deoxy-beta-D-glucopyranose
4 non-polymer 2-acetylamino-2-deoxy-alpha-L-idopyranose
5 non-polymer 'SULFATE ION'
6 non-polymer GLCNAC(BETA1-4)-MURNAC(1,6-ANHYDRO)-L-ALA-GAMMA-D-GLU-MESO-A2PM-D-ALA
7 non-polymer 'CITRIC ACID'
8 water water
#
loop_
_entity_poly.entity_id
_entity_poly.type
_entity_poly.pdbx_seq_one_letter_code
_entity_poly.pdbx_strand_id
1 'polypeptide(L)'
;DFVERQQWLAQPPQKEIPDLELPVGLVIALPTNSENCSTQAICVLRVRLLQTYDIESSQK(CSO)DIAYNFLIGGDGNVY
VGRGWNKMGAHMNNINYDSQSLSFAYIGSFKTIQPSAKQLSVTRLLLERGVKLGKIAPSYRFTASSKLMPSVTDFKADAL
YASFANWTHWS
;
A
2 'polypeptide(L)'
;MVILKVAEWGGRPAKRMLDAQQLPINRVVISHTAAEGCESREVCSARVNVVQSFHMDSWGWDHIGYNFLVGGDGRVYEGR
GWDYVGAHTKGYNRGSIGISFIGTFTTRKPNERQLEACQLLLQEGVRLKKLTTNYRLYGHRQLSATESPGEELYKIIKKW
PHWSHEI
;
X
#
loop_
_chem_comp.id
_chem_comp.type
_chem_comp.name
_chem_comp.formula
CIT non-polymer 'CITRIC ACID' 'C6 H8 O7'
HSQ L-saccharide, alpha linking 2-acetylamino-2-deoxy-alpha-L-idopyranose 'C8 H15 N O6'
MLD non-polymer GLCNAC(BETA1-4)-MURNAC(1,6-ANHYDRO)-L-ALA-GAMMA-D-GLU-MESO-A2PM-D-ALA 'C37 H59 N7 O20'
NAG D-saccharide, beta linking 2-acetamido-2-deoxy-beta-D-glucopyranose 'C8 H15 N O6'
SO4 non-polymer 'SULFATE ION' 'O4 S -2'
#
# COMPACT_ATOMS: atom_id res chain seq x y z
N ASP A 1 1.57 17.28 6.40
N ASP A 1 2.34 17.81 6.73
CA ASP A 1 2.51 17.46 5.25
CA ASP A 1 2.87 17.64 5.34
C ASP A 1 3.36 16.21 4.98
C ASP A 1 3.43 16.24 5.00
N PHE A 2 3.52 15.34 6.00
CA PHE A 2 4.06 13.97 5.79
C PHE A 2 2.95 12.94 5.80
N VAL A 3 2.92 12.06 4.81
CA VAL A 3 1.96 10.96 4.77
C VAL A 3 2.72 9.70 5.15
N GLU A 4 2.38 9.18 6.32
CA GLU A 4 3.10 8.07 6.90
C GLU A 4 2.74 6.80 6.13
N ARG A 5 3.61 5.82 6.23
CA ARG A 5 3.46 4.54 5.55
C ARG A 5 2.07 3.94 5.75
N GLN A 6 1.59 3.94 6.98
CA GLN A 6 0.27 3.41 7.31
C GLN A 6 -0.85 4.11 6.52
N GLN A 7 -0.70 5.43 6.32
CA GLN A 7 -1.71 6.18 5.60
C GLN A 7 -1.74 5.82 4.12
N TRP A 8 -0.64 5.30 3.56
CA TRP A 8 -0.68 4.85 2.14
C TRP A 8 -0.74 3.32 1.98
N LEU A 9 -1.11 2.65 3.06
CA LEU A 9 -1.38 1.22 3.03
C LEU A 9 -0.11 0.41 2.73
N ALA A 10 1.03 0.94 3.17
CA ALA A 10 2.30 0.28 2.95
C ALA A 10 2.32 -1.15 3.47
N GLN A 11 2.79 -2.04 2.62
CA GLN A 11 3.13 -3.41 2.97
C GLN A 11 4.36 -3.37 3.89
N PRO A 12 4.37 -4.15 4.97
CA PRO A 12 5.58 -4.15 5.77
C PRO A 12 6.74 -4.75 4.95
N PRO A 13 7.98 -4.28 5.18
CA PRO A 13 9.15 -4.82 4.47
C PRO A 13 9.29 -6.33 4.57
N GLN A 14 9.84 -6.91 3.52
CA GLN A 14 9.97 -8.36 3.39
C GLN A 14 10.92 -8.94 4.44
N LYS A 15 12.02 -8.22 4.68
CA LYS A 15 13.06 -8.60 5.63
C LYS A 15 13.63 -7.34 6.29
N GLU A 16 14.57 -7.51 7.21
CA GLU A 16 15.27 -6.39 7.79
C GLU A 16 16.00 -5.59 6.69
N ILE A 17 16.01 -4.28 6.84
CA ILE A 17 16.70 -3.37 5.92
C ILE A 17 17.84 -2.70 6.69
N PRO A 18 19.01 -2.55 6.05
CA PRO A 18 20.14 -2.00 6.82
C PRO A 18 19.96 -0.51 7.13
N ASP A 19 20.49 -0.08 8.26
CA ASP A 19 20.52 1.33 8.62
C ASP A 19 21.59 2.05 7.81
N LEU A 20 21.30 3.30 7.46
CA LEU A 20 22.34 4.23 7.00
C LEU A 20 23.27 4.70 8.12
N GLU A 21 24.54 4.90 7.79
CA GLU A 21 25.44 5.71 8.61
C GLU A 21 25.07 7.17 8.37
N LEU A 22 24.68 7.88 9.43
CA LEU A 22 24.23 9.27 9.31
C LEU A 22 25.27 10.23 9.91
N PRO A 23 25.27 11.50 9.47
CA PRO A 23 24.43 12.07 8.42
C PRO A 23 24.97 11.72 7.04
N VAL A 24 24.11 11.74 6.03
CA VAL A 24 24.57 11.57 4.64
C VAL A 24 25.03 12.90 4.05
N GLY A 25 26.00 12.82 3.14
CA GLY A 25 26.49 14.00 2.43
C GLY A 25 25.87 14.16 1.06
N LEU A 26 25.00 13.23 0.70
CA LEU A 26 24.45 13.17 -0.65
C LEU A 26 22.95 12.86 -0.66
N VAL A 27 22.19 13.67 -1.39
CA VAL A 27 20.76 13.44 -1.60
C VAL A 27 20.53 13.36 -3.11
N ILE A 28 19.80 12.32 -3.55
CA ILE A 28 19.64 12.02 -4.98
C ILE A 28 18.19 12.13 -5.42
N ALA A 29 17.97 12.88 -6.49
CA ALA A 29 16.63 13.04 -7.04
C ALA A 29 16.39 12.04 -8.17
N LEU A 30 15.18 11.49 -8.21
CA LEU A 30 14.80 10.52 -9.23
C LEU A 30 13.33 10.70 -9.62
N PRO A 31 12.98 10.35 -10.87
CA PRO A 31 11.58 10.26 -11.25
C PRO A 31 11.01 8.88 -10.89
N THR A 32 9.71 8.78 -10.64
CA THR A 32 9.13 7.45 -10.43
C THR A 32 8.79 6.80 -11.76
N ASN A 33 8.68 7.62 -12.81
CA ASN A 33 8.17 7.22 -14.13
C ASN A 33 6.80 6.54 -14.06
N SER A 34 6.00 6.94 -13.08
CA SER A 34 4.61 6.57 -12.99
C SER A 34 3.82 7.78 -13.46
N GLU A 35 2.51 7.60 -13.68
CA GLU A 35 1.61 8.74 -13.79
C GLU A 35 1.76 9.63 -12.56
N ASN A 36 1.46 10.91 -12.71
CA ASN A 36 1.61 11.85 -11.60
C ASN A 36 0.35 11.87 -10.72
N CYS A 37 0.25 12.84 -9.83
CA CYS A 37 -0.89 12.93 -8.92
C CYS A 37 -1.04 14.37 -8.41
N SER A 38 -2.28 14.82 -8.20
CA SER A 38 -2.50 16.18 -7.73
C SER A 38 -3.31 16.26 -6.44
N THR A 39 -3.70 15.11 -5.90
CA THR A 39 -4.42 15.06 -4.63
C THR A 39 -3.84 13.91 -3.81
N GLN A 40 -3.98 13.99 -2.50
CA GLN A 40 -3.48 12.93 -1.61
C GLN A 40 -4.02 11.55 -1.97
N ALA A 41 -5.31 11.46 -2.31
CA ALA A 41 -5.92 10.17 -2.64
C ALA A 41 -5.26 9.50 -3.85
N ILE A 42 -4.94 10.28 -4.87
CA ILE A 42 -4.30 9.72 -6.07
C ILE A 42 -2.81 9.47 -5.83
N CYS A 43 -2.15 10.36 -5.09
CA CYS A 43 -0.75 10.12 -4.72
C CYS A 43 -0.59 8.83 -3.93
N VAL A 44 -1.50 8.59 -2.99
CA VAL A 44 -1.50 7.36 -2.23
C VAL A 44 -1.59 6.15 -3.16
N LEU A 45 -2.47 6.21 -4.16
CA LEU A 45 -2.58 5.18 -5.19
C LEU A 45 -1.26 4.99 -5.90
N ARG A 46 -0.65 6.08 -6.31
CA ARG A 46 0.63 6.00 -7.00
C ARG A 46 1.71 5.32 -6.14
N VAL A 47 1.82 5.74 -4.88
CA VAL A 47 2.89 5.26 -4.01
C VAL A 47 2.70 3.77 -3.66
N ARG A 48 1.45 3.38 -3.37
CA ARG A 48 1.15 1.99 -2.99
C ARG A 48 1.38 1.06 -4.17
N LEU A 49 0.99 1.49 -5.38
CA LEU A 49 1.26 0.70 -6.57
C LEU A 49 2.76 0.61 -6.93
N LEU A 50 3.50 1.70 -6.74
CA LEU A 50 4.96 1.65 -6.89
C LEU A 50 5.63 0.67 -5.92
N GLN A 51 5.10 0.60 -4.69
CA GLN A 51 5.65 -0.33 -3.71
C GLN A 51 5.51 -1.75 -4.20
N THR A 52 4.34 -2.10 -4.68
CA THR A 52 4.15 -3.41 -5.28
C THR A 52 5.10 -3.68 -6.45
N TYR A 53 5.23 -2.72 -7.35
CA TYR A 53 6.13 -2.84 -8.46
C TYR A 53 7.56 -3.08 -7.96
N ASP A 54 7.99 -2.26 -7.01
CA ASP A 54 9.35 -2.39 -6.47
C ASP A 54 9.61 -3.73 -5.81
N ILE A 55 8.62 -4.23 -5.06
CA ILE A 55 8.79 -5.52 -4.38
C ILE A 55 8.68 -6.69 -5.34
N GLU A 56 7.65 -6.67 -6.18
CA GLU A 56 7.28 -7.84 -6.97
C GLU A 56 7.91 -7.92 -8.35
N SER A 57 8.09 -6.80 -9.03
CA SER A 57 8.85 -6.80 -10.30
C SER A 57 10.33 -6.60 -10.06
N SER A 58 10.69 -5.56 -9.31
CA SER A 58 12.11 -5.27 -9.03
C SER A 58 12.76 -6.12 -7.94
N GLN A 59 11.97 -6.94 -7.24
CA GLN A 59 12.50 -7.81 -6.16
C GLN A 59 13.29 -7.05 -5.08
N LYS A 60 12.82 -5.86 -4.74
CA LYS A 60 13.41 -5.07 -3.64
C LYS A 60 12.74 -5.48 -2.35
N CSO A 61 13.35 -5.14 -1.21
CA CSO A 61 12.74 -5.41 0.11
CB CSO A 61 13.70 -5.20 1.26
SG CSO A 61 15.23 -5.96 0.89
C CSO A 61 11.59 -4.53 0.49
O CSO A 61 10.87 -4.84 1.44
OD CSO A 61 15.11 -7.51 1.71
N ASP A 62 11.41 -3.43 -0.21
CA ASP A 62 10.44 -2.40 0.14
C ASP A 62 10.49 -1.41 -1.01
N ILE A 63 9.53 -0.48 -1.05
CA ILE A 63 9.63 0.67 -1.94
C ILE A 63 11.07 1.20 -1.93
N ALA A 64 11.58 1.58 -3.09
CA ALA A 64 13.02 1.74 -3.26
C ALA A 64 13.57 3.01 -2.60
N TYR A 65 12.69 3.94 -2.21
CA TYR A 65 13.08 5.30 -1.91
C TYR A 65 12.89 5.70 -0.45
N ASN A 66 13.71 6.65 0.00
CA ASN A 66 13.55 7.18 1.36
C ASN A 66 12.27 8.01 1.53
N PHE A 67 12.02 8.89 0.57
CA PHE A 67 10.81 9.73 0.56
C PHE A 67 10.37 9.88 -0.85
N LEU A 68 9.06 10.06 -1.04
CA LEU A 68 8.49 10.34 -2.35
C LEU A 68 7.70 11.66 -2.26
N ILE A 69 7.81 12.50 -3.29
CA ILE A 69 7.17 13.82 -3.30
C ILE A 69 6.11 13.87 -4.38
N GLY A 70 4.87 14.09 -3.96
CA GLY A 70 3.73 14.10 -4.87
C GLY A 70 3.39 15.50 -5.38
N GLY A 71 2.72 15.55 -6.52
CA GLY A 71 2.29 16.82 -7.11
C GLY A 71 1.45 17.68 -6.19
N ASP A 72 0.77 17.03 -5.23
CA ASP A 72 0.02 17.72 -4.17
C ASP A 72 0.93 18.46 -3.17
N GLY A 73 2.25 18.26 -3.27
CA GLY A 73 3.19 18.91 -2.36
C GLY A 73 3.34 18.23 -1.01
N ASN A 74 2.84 17.00 -0.89
CA ASN A 74 3.01 16.19 0.32
C ASN A 74 4.23 15.27 0.18
N VAL A 75 4.86 14.98 1.31
CA VAL A 75 5.98 14.04 1.37
C VAL A 75 5.47 12.68 1.86
N TYR A 76 5.65 11.66 1.03
CA TYR A 76 5.21 10.28 1.34
C TYR A 76 6.41 9.53 1.90
N VAL A 77 6.25 9.00 3.09
CA VAL A 77 7.35 8.30 3.75
C VAL A 77 7.55 6.94 3.06
N GLY A 78 8.77 6.72 2.57
CA GLY A 78 9.17 5.46 1.97
C GLY A 78 9.92 4.69 3.05
N ARG A 79 11.22 4.52 2.86
CA ARG A 79 12.05 3.89 3.88
C ARG A 79 12.45 4.85 5.01
N GLY A 80 12.19 6.13 4.82
CA GLY A 80 12.46 7.12 5.86
C GLY A 80 13.89 7.56 5.96
N TRP A 81 14.19 8.30 7.04
CA TRP A 81 15.48 8.94 7.26
C TRP A 81 16.60 7.95 7.56
N ASN A 82 16.26 6.83 8.20
CA ASN A 82 17.28 6.03 8.85
C ASN A 82 17.66 4.76 8.15
N LYS A 83 16.91 4.38 7.11
CA LYS A 83 17.14 3.11 6.41
C LYS A 83 17.71 3.31 5.01
N MET A 84 18.60 2.41 4.62
CA MET A 84 19.22 2.44 3.31
C MET A 84 18.18 2.18 2.19
N GLY A 85 18.17 3.05 1.19
CA GLY A 85 17.34 2.88 0.02
C GLY A 85 17.96 1.94 -0.97
N ALA A 86 17.26 1.73 -2.09
CA ALA A 86 17.70 0.83 -3.14
C ALA A 86 17.55 1.50 -4.51
N HIS A 87 17.70 2.82 -4.50
CA HIS A 87 17.40 3.66 -5.66
C HIS A 87 18.43 3.56 -6.78
N MET A 88 19.72 3.49 -6.47
CA MET A 88 20.76 3.39 -7.51
C MET A 88 21.14 1.95 -7.92
N ASN A 89 20.66 0.95 -7.18
CA ASN A 89 21.07 -0.45 -7.41
C ASN A 89 22.59 -0.55 -7.37
N ASN A 90 23.18 0.19 -6.44
CA ASN A 90 24.61 0.27 -6.30
C ASN A 90 24.89 0.58 -4.84
N ILE A 91 25.56 -0.35 -4.16
CA ILE A 91 25.72 -0.28 -2.70
C ILE A 91 26.56 0.94 -2.27
N ASN A 92 27.50 1.36 -3.10
CA ASN A 92 28.33 2.52 -2.82
C ASN A 92 27.48 3.79 -2.69
N TYR A 93 26.63 4.04 -3.68
CA TYR A 93 25.72 5.18 -3.64
C TYR A 93 24.61 5.01 -2.60
N ASP A 94 23.93 3.87 -2.64
CA ASP A 94 22.77 3.60 -1.79
C ASP A 94 23.11 3.63 -0.30
N SER A 95 24.32 3.20 0.07
CA SER A 95 24.76 3.23 1.46
C SER A 95 25.20 4.63 1.95
N GLN A 96 25.30 5.59 1.03
CA GLN A 96 25.84 6.92 1.34
C GLN A 96 24.96 8.06 0.87
N SER A 97 23.66 7.80 0.73
CA SER A 97 22.73 8.82 0.23
C SER A 97 21.32 8.61 0.78
N LEU A 98 20.50 9.63 0.59
CA LEU A 98 19.06 9.53 0.72
C LEU A 98 18.49 9.82 -0.65
N SER A 99 17.37 9.20 -0.95
CA SER A 99 16.68 9.40 -2.23
C SER A 99 15.33 10.08 -2.05
N PHE A 100 15.08 11.08 -2.90
CA PHE A 100 13.78 11.74 -3.02
C PHE A 100 13.27 11.38 -4.40
N ALA A 101 12.18 10.61 -4.47
CA ALA A 101 11.57 10.26 -5.74
C ALA A 101 10.40 11.21 -6.01
N TYR A 102 10.32 11.70 -7.23
CA TYR A 102 9.28 12.64 -7.63
C TYR A 102 8.22 11.85 -8.37
N ILE A 103 6.99 11.89 -7.87
CA ILE A 103 5.92 11.07 -8.44
C ILE A 103 5.47 11.65 -9.78
N GLY A 104 5.76 10.91 -10.85
CA GLY A 104 5.46 11.37 -12.20
C GLY A 104 6.58 11.01 -13.16
N SER A 105 6.51 11.56 -14.35
CA SER A 105 7.51 11.41 -15.40
C SER A 105 7.86 12.84 -15.85
N PHE A 106 9.14 13.18 -15.87
CA PHE A 106 9.55 14.59 -16.01
C PHE A 106 10.62 14.83 -17.05
N LYS A 107 10.51 14.16 -18.19
CA LYS A 107 11.46 14.37 -19.27
C LYS A 107 11.21 15.74 -19.89
N THR A 108 9.94 16.05 -20.17
CA THR A 108 9.55 17.37 -20.68
C THR A 108 8.61 18.12 -19.75
N ILE A 109 7.83 17.40 -18.95
CA ILE A 109 6.90 18.04 -18.03
C ILE A 109 7.64 18.45 -16.76
N GLN A 110 7.36 19.66 -16.29
CA GLN A 110 7.98 20.16 -15.06
C GLN A 110 7.23 19.68 -13.82
N PRO A 111 7.95 19.52 -12.70
CA PRO A 111 7.26 19.31 -11.42
C PRO A 111 6.41 20.52 -11.06
N SER A 112 5.47 20.33 -10.15
CA SER A 112 4.60 21.44 -9.74
C SER A 112 5.39 22.32 -8.77
N ALA A 113 4.95 23.56 -8.57
CA ALA A 113 5.63 24.48 -7.65
C ALA A 113 5.61 23.94 -6.23
N LYS A 114 4.56 23.18 -5.92
N LYS A 114 4.60 23.14 -5.92
CA LYS A 114 4.42 22.51 -4.62
CA LYS A 114 4.44 22.55 -4.61
C LYS A 114 5.55 21.49 -4.42
C LYS A 114 5.45 21.40 -4.37
N GLN A 115 5.79 20.67 -5.43
CA GLN A 115 6.83 19.65 -5.38
C GLN A 115 8.22 20.26 -5.08
N LEU A 116 8.49 21.41 -5.70
CA LEU A 116 9.75 22.10 -5.55
C LEU A 116 9.87 22.78 -4.20
N SER A 117 8.82 23.46 -3.76
CA SER A 117 8.88 24.15 -2.46
C SER A 117 9.01 23.17 -1.28
N VAL A 118 8.29 22.03 -1.32
CA VAL A 118 8.36 21.10 -0.19
C VAL A 118 9.72 20.38 -0.13
N THR A 119 10.38 20.24 -1.28
CA THR A 119 11.75 19.76 -1.33
C THR A 119 12.70 20.60 -0.49
N ARG A 120 12.53 21.93 -0.53
CA ARG A 120 13.32 22.83 0.31
C ARG A 120 13.08 22.55 1.80
N LEU A 121 11.81 22.46 2.19
CA LEU A 121 11.46 22.17 3.58
C LEU A 121 11.97 20.79 3.99
N LEU A 122 11.88 19.82 3.07
CA LEU A 122 12.31 18.44 3.37
C LEU A 122 13.82 18.36 3.61
N LEU A 123 14.60 19.00 2.74
CA LEU A 123 16.05 19.11 2.92
C LEU A 123 16.45 19.82 4.23
N GLU A 124 15.77 20.94 4.52
CA GLU A 124 15.99 21.65 5.78
C GLU A 124 15.68 20.79 7.01
N ARG A 125 14.55 20.08 6.99
N ARG A 125 14.55 20.09 7.01
CA ARG A 125 14.18 19.21 8.10
CA ARG A 125 14.20 19.18 8.12
C ARG A 125 15.27 18.14 8.33
C ARG A 125 15.33 18.17 8.33
N GLY A 126 15.78 17.57 7.25
CA GLY A 126 16.87 16.59 7.33
C GLY A 126 18.16 17.11 7.93
N VAL A 127 18.51 18.33 7.58
CA VAL A 127 19.67 18.98 8.19
C VAL A 127 19.45 19.19 9.70
N LYS A 128 18.27 19.68 10.07
CA LYS A 128 17.94 19.92 11.48
C LYS A 128 17.91 18.68 12.35
N LEU A 129 17.56 17.55 11.74
CA LEU A 129 17.42 16.29 12.46
C LEU A 129 18.72 15.46 12.49
N GLY A 130 19.80 15.96 11.90
CA GLY A 130 21.08 15.23 11.86
C GLY A 130 21.16 14.11 10.82
N LYS A 131 20.24 14.11 9.86
CA LYS A 131 20.19 13.07 8.81
C LYS A 131 21.00 13.46 7.58
N ILE A 132 21.05 14.77 7.31
CA ILE A 132 21.75 15.31 6.13
C ILE A 132 22.85 16.24 6.63
N ALA A 133 24.07 16.10 6.11
CA ALA A 133 25.18 16.96 6.53
C ALA A 133 24.90 18.40 6.05
N PRO A 134 25.20 19.42 6.89
CA PRO A 134 24.99 20.81 6.43
C PRO A 134 25.59 21.11 5.05
N SER A 135 26.70 20.47 4.70
CA SER A 135 27.34 20.73 3.42
C SER A 135 26.97 19.69 2.36
N TYR A 136 25.74 19.21 2.39
CA TYR A 136 25.31 18.16 1.45
C TYR A 136 25.33 18.61 0.01
N ARG A 137 25.50 17.63 -0.88
CA ARG A 137 25.25 17.79 -2.28
C ARG A 137 23.88 17.17 -2.64
N PHE A 138 23.09 17.91 -3.43
CA PHE A 138 21.82 17.43 -3.99
C PHE A 138 22.07 17.26 -5.49
N THR A 139 21.82 16.07 -6.01
CA THR A 139 22.12 15.81 -7.43
C THR A 139 21.10 14.91 -8.10
N ALA A 140 21.22 14.80 -9.42
CA ALA A 140 20.37 13.96 -10.24
C ALA A 140 20.95 12.57 -10.29
N SER A 141 20.07 11.59 -10.14
CA SER A 141 20.41 10.20 -10.36
C SER A 141 21.05 9.99 -11.74
N SER A 142 20.60 10.77 -12.73
CA SER A 142 21.10 10.62 -14.09
C SER A 142 22.52 11.14 -14.28
N LYS A 143 22.91 12.15 -13.50
CA LYS A 143 24.29 12.65 -13.53
C LYS A 143 25.23 11.57 -12.99
N LEU A 144 24.79 10.87 -11.96
CA LEU A 144 25.59 9.81 -11.33
C LEU A 144 25.76 8.59 -12.23
N MET A 145 24.69 8.25 -12.96
CA MET A 145 24.69 7.10 -13.87
C MET A 145 24.02 7.54 -15.16
N PRO A 146 24.79 8.21 -16.04
CA PRO A 146 24.29 8.73 -17.32
C PRO A 146 23.68 7.70 -18.25
N SER A 147 24.09 6.43 -18.13
CA SER A 147 23.63 5.39 -19.05
C SER A 147 22.23 4.85 -18.73
N VAL A 148 21.71 5.16 -17.54
CA VAL A 148 20.46 4.55 -17.09
C VAL A 148 19.28 5.38 -17.61
N THR A 149 18.49 4.76 -18.47
CA THR A 149 17.41 5.44 -19.18
C THR A 149 16.26 5.82 -18.25
N ASP A 150 16.01 4.98 -17.24
CA ASP A 150 14.95 5.24 -16.26
C ASP A 150 15.25 6.37 -15.29
N PHE A 151 16.50 6.84 -15.26
CA PHE A 151 16.87 7.98 -14.42
C PHE A 151 16.69 9.33 -15.12
N LYS A 152 16.41 9.32 -16.42
CA LYS A 152 16.31 10.55 -17.21
C LYS A 152 15.04 11.32 -16.86
N ALA A 153 15.20 12.61 -16.62
CA ALA A 153 14.12 13.49 -16.24
C ALA A 153 14.60 14.94 -16.33
N ASP A 154 14.93 15.36 -17.55
CA ASP A 154 15.52 16.68 -17.81
C ASP A 154 14.74 17.82 -17.16
N ALA A 155 13.41 17.79 -17.24
CA ALA A 155 12.60 18.90 -16.74
C ALA A 155 12.58 18.97 -15.21
N LEU A 156 12.67 17.82 -14.56
CA LEU A 156 12.77 17.79 -13.10
C LEU A 156 14.10 18.41 -12.66
N TYR A 157 15.20 17.92 -13.23
CA TYR A 157 16.53 18.32 -12.76
C TYR A 157 16.86 19.79 -13.07
N ALA A 158 16.35 20.29 -14.19
CA ALA A 158 16.49 21.70 -14.57
C ALA A 158 15.87 22.64 -13.54
N SER A 159 14.84 22.16 -12.85
CA SER A 159 14.15 22.93 -11.80
C SER A 159 15.01 23.18 -10.56
N PHE A 160 16.05 22.36 -10.35
CA PHE A 160 16.98 22.53 -9.23
C PHE A 160 18.33 23.12 -9.64
N ALA A 161 18.50 23.39 -10.92
CA ALA A 161 19.80 23.76 -11.47
C ALA A 161 20.45 24.99 -10.83
N ASN A 162 19.65 25.96 -10.39
CA ASN A 162 20.18 27.15 -9.71
C ASN A 162 20.22 27.09 -8.17
N TRP A 163 19.92 25.93 -7.58
CA TRP A 163 19.97 25.78 -6.13
C TRP A 163 21.40 25.64 -5.66
N THR A 164 21.73 26.28 -4.54
CA THR A 164 23.12 26.36 -4.09
C THR A 164 23.77 25.00 -3.81
N HIS A 165 23.00 24.06 -3.27
CA HIS A 165 23.52 22.71 -2.96
C HIS A 165 23.52 21.72 -4.14
N TRP A 166 22.98 22.13 -5.28
CA TRP A 166 22.84 21.27 -6.45
C TRP A 166 24.16 21.06 -7.17
N SER A 167 24.45 19.82 -7.54
CA SER A 167 25.57 19.48 -8.42
C SER A 167 25.07 18.66 -9.61
N MET B 1 -18.54 -14.86 18.57
CA MET B 1 -18.06 -14.07 17.40
C MET B 1 -18.56 -12.62 17.45
N VAL B 2 -17.63 -11.70 17.25
CA VAL B 2 -17.92 -10.28 17.14
C VAL B 2 -17.87 -9.88 15.67
N ILE B 3 -18.98 -9.32 15.16
CA ILE B 3 -18.99 -8.62 13.87
C ILE B 3 -19.28 -7.15 14.12
N LEU B 4 -18.30 -6.29 13.86
CA LEU B 4 -18.46 -4.84 14.06
C LEU B 4 -19.01 -4.22 12.77
N LYS B 5 -20.18 -3.60 12.87
CA LYS B 5 -20.77 -2.89 11.74
C LYS B 5 -19.94 -1.68 11.30
N VAL B 6 -20.17 -1.24 10.07
CA VAL B 6 -19.42 -0.10 9.50
C VAL B 6 -19.38 1.07 10.49
N ALA B 7 -20.53 1.43 11.01
CA ALA B 7 -20.64 2.54 11.94
C ALA B 7 -19.85 2.29 13.23
N GLU B 8 -19.79 1.03 13.66
CA GLU B 8 -19.11 0.68 14.90
C GLU B 8 -17.59 0.77 14.79
N TRP B 9 -17.03 0.59 13.59
CA TRP B 9 -15.60 0.86 13.40
C TRP B 9 -15.32 2.26 12.84
N GLY B 10 -16.34 3.10 12.79
CA GLY B 10 -16.16 4.49 12.40
C GLY B 10 -16.07 4.75 10.92
N GLY B 11 -16.59 3.83 10.11
CA GLY B 11 -16.52 3.95 8.65
C GLY B 11 -17.66 4.75 8.04
N ARG B 12 -17.50 5.08 6.76
CA ARG B 12 -18.52 5.81 6.00
C ARG B 12 -19.53 4.89 5.37
N PRO B 13 -20.74 5.41 5.10
CA PRO B 13 -21.69 4.64 4.31
C PRO B 13 -21.32 4.66 2.83
N ALA B 14 -21.98 3.79 2.06
CA ALA B 14 -21.78 3.74 0.62
C ALA B 14 -22.18 5.07 -0.03
N LYS B 15 -21.57 5.38 -1.16
CA LYS B 15 -21.82 6.63 -1.88
C LYS B 15 -23.19 6.61 -2.53
N ARG B 16 -23.62 5.41 -2.90
CA ARG B 16 -24.92 5.20 -3.49
C ARG B 16 -25.36 3.77 -3.16
N MET B 17 -26.56 3.43 -3.58
CA MET B 17 -27.16 2.13 -3.32
C MET B 17 -26.38 1.06 -4.07
N LEU B 18 -26.01 -0.01 -3.37
CA LEU B 18 -25.25 -1.09 -3.98
C LEU B 18 -26.18 -2.16 -4.53
N ASP B 19 -25.68 -2.91 -5.51
CA ASP B 19 -26.41 -4.03 -6.09
C ASP B 19 -26.54 -5.16 -5.08
N ALA B 20 -27.73 -5.74 -5.01
CA ALA B 20 -28.02 -6.85 -4.13
C ALA B 20 -27.64 -8.19 -4.77
N GLN B 21 -27.25 -9.14 -3.93
CA GLN B 21 -26.91 -10.48 -4.38
C GLN B 21 -28.14 -11.37 -4.34
N GLN B 22 -28.17 -12.36 -5.24
CA GLN B 22 -29.09 -13.48 -5.11
C GLN B 22 -28.51 -14.42 -4.05
N LEU B 23 -29.30 -14.67 -3.02
CA LEU B 23 -28.91 -15.58 -1.96
C LEU B 23 -29.62 -16.92 -2.18
N PRO B 24 -29.01 -18.03 -1.72
CA PRO B 24 -27.70 -18.15 -1.06
C PRO B 24 -26.53 -18.05 -2.03
N ILE B 25 -25.37 -17.66 -1.52
CA ILE B 25 -24.17 -17.51 -2.34
C ILE B 25 -23.32 -18.75 -2.17
N ASN B 26 -22.75 -19.28 -3.24
CA ASN B 26 -21.93 -20.47 -3.09
C ASN B 26 -20.48 -20.32 -3.51
N ARG B 27 -19.97 -19.09 -3.46
CA ARG B 27 -18.55 -18.81 -3.70
C ARG B 27 -18.04 -17.87 -2.62
N VAL B 28 -16.89 -18.20 -2.03
CA VAL B 28 -16.16 -17.34 -1.11
C VAL B 28 -14.74 -17.15 -1.64
N VAL B 29 -14.25 -15.90 -1.59
CA VAL B 29 -12.93 -15.56 -2.06
C VAL B 29 -12.13 -14.92 -0.92
N ILE B 30 -11.04 -15.59 -0.53
CA ILE B 30 -10.18 -15.09 0.53
C ILE B 30 -9.01 -14.26 0.00
N SER B 31 -8.89 -13.04 0.52
CA SER B 31 -7.79 -12.14 0.18
C SER B 31 -7.04 -11.75 1.44
N HIS B 32 -5.96 -10.98 1.28
CA HIS B 32 -5.42 -10.17 2.39
C HIS B 32 -5.39 -8.71 1.95
N THR B 33 -5.16 -7.81 2.88
CA THR B 33 -5.10 -6.38 2.57
C THR B 33 -3.76 -5.94 2.01
N ALA B 34 -2.72 -6.77 2.21
CA ALA B 34 -1.32 -6.45 1.84
C ALA B 34 -0.77 -5.17 2.49
N ALA B 35 -1.26 -4.88 3.68
CA ALA B 35 -0.74 -3.79 4.50
C ALA B 35 -0.41 -4.36 5.88
N GLU B 36 -0.25 -3.51 6.88
CA GLU B 36 0.18 -3.99 8.19
C GLU B 36 -1.02 -4.66 8.89
N GLY B 37 -0.76 -5.67 9.71
CA GLY B 37 -1.78 -6.29 10.56
C GLY B 37 -2.03 -5.48 11.80
N CYS B 38 -2.71 -6.09 12.78
CA CYS B 38 -3.26 -5.37 13.90
C CYS B 38 -3.72 -6.36 14.99
N GLU B 39 -3.72 -5.93 16.24
CA GLU B 39 -3.95 -6.86 17.36
C GLU B 39 -4.98 -6.35 18.37
N SER B 40 -5.69 -5.28 18.03
CA SER B 40 -6.63 -4.66 18.96
C SER B 40 -7.73 -3.94 18.19
N ARG B 41 -8.86 -3.68 18.83
CA ARG B 41 -9.97 -3.01 18.16
C ARG B 41 -9.55 -1.61 17.61
N GLU B 42 -8.83 -0.86 18.41
CA GLU B 42 -8.32 0.46 18.01
C GLU B 42 -7.42 0.40 16.75
N VAL B 43 -6.44 -0.50 16.75
CA VAL B 43 -5.51 -0.56 15.64
C VAL B 43 -6.22 -1.13 14.40
N CYS B 44 -7.03 -2.19 14.56
CA CYS B 44 -7.70 -2.80 13.41
C CYS B 44 -8.73 -1.85 12.79
N SER B 45 -9.40 -1.05 13.61
CA SER B 45 -10.35 -0.07 13.12
C SER B 45 -9.61 0.96 12.29
N ALA B 46 -8.42 1.34 12.75
CA ALA B 46 -7.57 2.27 12.01
C ALA B 46 -7.23 1.71 10.64
N ARG B 47 -6.84 0.43 10.60
CA ARG B 47 -6.46 -0.24 9.34
C ARG B 47 -7.59 -0.31 8.34
N VAL B 48 -8.81 -0.53 8.85
CA VAL B 48 -9.96 -0.70 7.98
C VAL B 48 -10.44 0.63 7.42
N ASN B 49 -10.35 1.68 8.23
CA ASN B 49 -10.59 3.04 7.72
C ASN B 49 -9.68 3.43 6.56
N VAL B 50 -8.39 3.12 6.67
CA VAL B 50 -7.44 3.41 5.59
C VAL B 50 -7.80 2.60 4.35
N VAL B 51 -8.13 1.32 4.52
CA VAL B 51 -8.59 0.49 3.41
C VAL B 51 -9.82 1.10 2.73
N GLN B 52 -10.78 1.58 3.53
CA GLN B 52 -12.01 2.19 2.97
C GLN B 52 -11.69 3.44 2.13
N SER B 53 -10.79 4.26 2.63
CA SER B 53 -10.33 5.44 1.90
C SER B 53 -9.62 5.08 0.60
N PHE B 54 -8.76 4.08 0.65
CA PHE B 54 -8.10 3.56 -0.56
C PHE B 54 -9.11 3.13 -1.64
N HIS B 55 -10.14 2.41 -1.21
CA HIS B 55 -11.14 1.91 -2.15
C HIS B 55 -12.08 3.01 -2.64
N MET B 56 -12.52 3.88 -1.72
CA MET B 56 -13.51 4.92 -2.08
C MET B 56 -12.90 6.19 -2.68
N ASP B 57 -11.70 6.57 -2.22
CA ASP B 57 -11.08 7.83 -2.62
C ASP B 57 -10.01 7.60 -3.68
N SER B 58 -9.10 6.66 -3.45
CA SER B 58 -8.01 6.43 -4.39
C SER B 58 -8.48 5.67 -5.65
N TRP B 59 -9.28 4.63 -5.49
CA TRP B 59 -9.87 3.93 -6.65
C TRP B 59 -11.19 4.53 -7.11
N GLY B 60 -11.87 5.22 -6.22
CA GLY B 60 -13.15 5.84 -6.55
C GLY B 60 -14.31 4.87 -6.54
N TRP B 61 -14.24 3.80 -5.75
CA TRP B 61 -15.38 2.86 -5.64
C TRP B 61 -16.46 3.40 -4.70
N ASP B 62 -17.59 2.73 -4.65
CA ASP B 62 -18.76 3.24 -3.90
C ASP B 62 -18.80 2.87 -2.40
N HIS B 63 -17.87 2.01 -1.99
CA HIS B 63 -17.79 1.55 -0.61
C HIS B 63 -16.47 0.78 -0.49
N ILE B 64 -16.12 0.43 0.74
CA ILE B 64 -15.03 -0.53 0.93
C ILE B 64 -15.41 -1.79 0.14
N GLY B 65 -14.41 -2.38 -0.50
CA GLY B 65 -14.61 -3.41 -1.52
C GLY B 65 -14.98 -4.76 -0.96
N TYR B 66 -14.56 -5.06 0.25
CA TYR B 66 -14.80 -6.39 0.83
C TYR B 66 -16.21 -6.52 1.42
N ASN B 67 -16.71 -7.75 1.46
CA ASN B 67 -17.92 -7.98 2.21
C ASN B 67 -17.60 -7.97 3.71
N PHE B 68 -16.50 -8.61 4.09
CA PHE B 68 -16.03 -8.65 5.48
C PHE B 68 -14.51 -8.59 5.52
N LEU B 69 -13.97 -8.11 6.64
CA LEU B 69 -12.54 -8.23 6.88
C LEU B 69 -12.34 -8.89 8.24
N VAL B 70 -11.23 -9.56 8.42
CA VAL B 70 -10.92 -10.26 9.69
C VAL B 70 -9.65 -9.70 10.28
N GLY B 71 -9.74 -9.20 11.51
CA GLY B 71 -8.59 -8.61 12.15
C GLY B 71 -7.79 -9.58 12.99
N GLY B 72 -6.53 -9.20 13.27
CA GLY B 72 -5.65 -9.99 14.14
C GLY B 72 -6.07 -9.95 15.59
N ASP B 73 -7.03 -9.09 15.90
CA ASP B 73 -7.70 -9.11 17.20
C ASP B 73 -8.78 -10.22 17.30
N GLY B 74 -9.03 -10.95 16.23
CA GLY B 74 -10.10 -11.94 16.21
C GLY B 74 -11.49 -11.38 15.97
N ARG B 75 -11.61 -10.09 15.66
CA ARG B 75 -12.92 -9.49 15.37
C ARG B 75 -13.12 -9.43 13.87
N VAL B 76 -14.39 -9.49 13.47
CA VAL B 76 -14.79 -9.34 12.11
C VAL B 76 -15.29 -7.91 11.95
N TYR B 77 -14.80 -7.28 10.87
CA TYR B 77 -15.14 -5.90 10.53
C TYR B 77 -16.01 -5.97 9.31
N GLU B 78 -17.28 -5.57 9.45
CA GLU B 78 -18.22 -5.58 8.33
C GLU B 78 -17.79 -4.60 7.22
N GLY B 79 -17.86 -5.04 5.97
CA GLY B 79 -17.71 -4.15 4.82
C GLY B 79 -19.08 -3.96 4.20
N ARG B 80 -19.27 -4.53 3.02
CA ARG B 80 -20.58 -4.51 2.38
C ARG B 80 -21.57 -5.51 2.99
N GLY B 81 -21.09 -6.44 3.81
CA GLY B 81 -21.93 -7.50 4.40
C GLY B 81 -22.32 -8.61 3.43
N TRP B 82 -23.26 -9.47 3.84
CA TRP B 82 -23.67 -10.65 3.05
C TRP B 82 -24.49 -10.34 1.79
N ASP B 83 -25.27 -9.25 1.83
CA ASP B 83 -26.36 -9.02 0.88
C ASP B 83 -26.02 -8.19 -0.35
N TYR B 84 -24.79 -7.67 -0.44
CA TYR B 84 -24.44 -6.78 -1.55
C TYR B 84 -23.20 -7.24 -2.30
N VAL B 85 -23.17 -6.90 -3.57
CA VAL B 85 -22.08 -7.25 -4.46
C VAL B 85 -20.87 -6.39 -4.12
N GLY B 86 -19.73 -7.04 -3.91
CA GLY B 86 -18.48 -6.35 -3.59
C GLY B 86 -17.66 -5.87 -4.78
N ALA B 87 -16.46 -5.37 -4.46
CA ALA B 87 -15.48 -4.94 -5.43
C ALA B 87 -14.13 -5.48 -4.94
N HIS B 88 -13.98 -6.79 -4.99
CA HIS B 88 -12.79 -7.46 -4.43
C HIS B 88 -12.12 -8.42 -5.41
N THR B 89 -12.89 -8.96 -6.36
CA THR B 89 -12.38 -9.95 -7.29
C THR B 89 -13.08 -9.74 -8.65
N LYS B 90 -12.36 -9.11 -9.57
CA LYS B 90 -12.95 -8.68 -10.83
C LYS B 90 -13.48 -9.89 -11.59
N GLY B 91 -14.73 -9.78 -12.02
CA GLY B 91 -15.40 -10.84 -12.78
C GLY B 91 -16.10 -11.82 -11.87
N TYR B 92 -15.79 -11.80 -10.58
CA TYR B 92 -16.33 -12.77 -9.63
C TYR B 92 -17.02 -12.16 -8.43
N ASN B 93 -17.30 -10.88 -8.46
CA ASN B 93 -17.91 -10.21 -7.32
C ASN B 93 -19.37 -10.64 -7.15
N ARG B 94 -20.10 -10.66 -8.27
CA ARG B 94 -21.47 -11.14 -8.29
C ARG B 94 -21.48 -12.64 -7.98
N GLY B 95 -22.21 -13.03 -6.94
CA GLY B 95 -22.31 -14.44 -6.56
C GLY B 95 -21.17 -14.93 -5.68
N SER B 96 -20.42 -14.01 -5.10
CA SER B 96 -19.39 -14.39 -4.15
C SER B 96 -19.38 -13.48 -2.93
N ILE B 97 -18.77 -13.99 -1.87
CA ILE B 97 -18.48 -13.24 -0.65
C ILE B 97 -16.96 -13.10 -0.55
N GLY B 98 -16.48 -11.86 -0.51
CA GLY B 98 -15.06 -11.56 -0.37
C GLY B 98 -14.71 -11.21 1.07
N ILE B 99 -13.83 -12.01 1.66
CA ILE B 99 -13.35 -11.81 3.01
C ILE B 99 -11.83 -11.55 2.95
N SER B 100 -11.40 -10.45 3.54
CA SER B 100 -9.97 -10.10 3.53
C SER B 100 -9.38 -10.23 4.92
N PHE B 101 -8.26 -10.93 5.02
CA PHE B 101 -7.50 -10.95 6.29
C PHE B 101 -6.69 -9.68 6.36
N ILE B 102 -6.81 -8.95 7.46
CA ILE B 102 -6.10 -7.69 7.63
C ILE B 102 -4.65 -8.04 7.91
N GLY B 103 -3.78 -7.59 7.00
CA GLY B 103 -2.36 -7.87 7.08
C GLY B 103 -1.77 -8.33 5.77
N THR B 104 -0.53 -8.80 5.86
CA THR B 104 0.22 -9.32 4.73
C THR B 104 0.74 -10.70 5.11
N PHE B 105 0.30 -11.75 4.38
CA PHE B 105 0.58 -13.15 4.77
C PHE B 105 1.40 -13.90 3.74
N THR B 106 2.36 -13.19 3.16
CA THR B 106 3.26 -13.74 2.17
C THR B 106 4.28 -14.67 2.82
N THR B 107 4.85 -14.29 3.95
CA THR B 107 5.80 -15.20 4.62
C THR B 107 5.47 -15.48 6.09
N ARG B 108 4.39 -14.88 6.58
CA ARG B 108 3.96 -15.00 7.96
C ARG B 108 2.52 -15.54 7.96
N LYS B 109 2.22 -16.46 8.87
CA LYS B 109 0.87 -17.04 8.96
C LYS B 109 -0.07 -16.09 9.64
N PRO B 110 -1.36 -16.15 9.30
CA PRO B 110 -2.33 -15.43 10.10
C PRO B 110 -2.38 -16.04 11.51
N ASN B 111 -2.79 -15.24 12.49
CA ASN B 111 -2.75 -15.72 13.86
C ASN B 111 -3.97 -16.56 14.25
N GLU B 112 -3.86 -17.21 15.41
CA GLU B 112 -4.87 -18.14 15.88
C GLU B 112 -6.29 -17.53 15.93
N ARG B 113 -6.38 -16.30 16.42
CA ARG B 113 -7.67 -15.61 16.56
C ARG B 113 -8.27 -15.23 15.22
N GLN B 114 -7.41 -14.83 14.29
CA GLN B 114 -7.86 -14.44 12.95
C GLN B 114 -8.44 -15.64 12.20
N LEU B 115 -7.75 -16.78 12.29
CA LEU B 115 -8.23 -18.00 11.66
C LEU B 115 -9.56 -18.47 12.29
N GLU B 116 -9.62 -18.45 13.62
CA GLU B 116 -10.85 -18.78 14.34
C GLU B 116 -12.03 -17.87 13.94
N ALA B 117 -11.79 -16.57 13.84
CA ALA B 117 -12.84 -15.61 13.43
C ALA B 117 -13.39 -15.92 12.03
N CYS B 118 -12.52 -16.22 11.09
CA CYS B 118 -12.93 -16.52 9.73
C CYS B 118 -13.74 -17.82 9.67
N GLN B 119 -13.33 -18.83 10.44
CA GLN B 119 -14.06 -20.10 10.48
C GLN B 119 -15.48 -19.88 11.02
N LEU B 120 -15.58 -19.06 12.07
CA LEU B 120 -16.88 -18.75 12.68
C LEU B 120 -17.76 -17.93 11.75
N LEU B 121 -17.15 -16.98 11.05
CA LEU B 121 -17.87 -16.16 10.08
C LEU B 121 -18.50 -17.02 8.99
N LEU B 122 -17.72 -17.94 8.42
CA LEU B 122 -18.21 -18.84 7.38
C LEU B 122 -19.34 -19.75 7.92
N GLN B 123 -19.16 -20.28 9.12
CA GLN B 123 -20.22 -21.10 9.71
C GLN B 123 -21.50 -20.30 9.96
N GLU B 124 -21.35 -19.02 10.29
CA GLU B 124 -22.50 -18.17 10.51
C GLU B 124 -23.23 -17.93 9.20
N GLY B 125 -22.49 -17.66 8.14
CA GLY B 125 -23.07 -17.51 6.80
C GLY B 125 -23.89 -18.70 6.31
N VAL B 126 -23.39 -19.92 6.53
CA VAL B 126 -24.16 -21.15 6.21
C VAL B 126 -25.42 -21.22 7.08
N ARG B 127 -25.25 -20.98 8.38
CA ARG B 127 -26.35 -21.03 9.34
C ARG B 127 -27.46 -20.03 9.00
N LEU B 128 -27.10 -18.84 8.53
CA LEU B 128 -28.08 -17.82 8.17
C LEU B 128 -28.58 -17.98 6.74
N LYS B 129 -28.09 -18.98 6.02
CA LYS B 129 -28.46 -19.18 4.61
C LYS B 129 -27.97 -18.08 3.67
N LYS B 130 -26.90 -17.38 4.05
CA LYS B 130 -26.27 -16.43 3.15
C LYS B 130 -25.36 -17.18 2.21
N LEU B 131 -24.81 -18.30 2.71
CA LEU B 131 -23.97 -19.19 1.93
C LEU B 131 -24.63 -20.56 1.80
N THR B 132 -24.43 -21.21 0.66
CA THR B 132 -24.86 -22.59 0.50
C THR B 132 -24.09 -23.48 1.47
N THR B 133 -24.70 -24.62 1.78
CA THR B 133 -24.09 -25.66 2.61
C THR B 133 -22.82 -26.21 1.96
N ASN B 134 -22.79 -26.27 0.63
CA ASN B 134 -21.60 -26.75 -0.10
C ASN B 134 -20.84 -25.65 -0.88
N TYR B 135 -20.70 -24.47 -0.27
CA TYR B 135 -20.03 -23.35 -0.93
C TYR B 135 -18.58 -23.70 -1.27
N ARG B 136 -18.12 -23.18 -2.40
CA ARG B 136 -16.73 -23.34 -2.82
C ARG B 136 -15.89 -22.15 -2.35
N LEU B 137 -14.73 -22.44 -1.75
CA LEU B 137 -13.84 -21.40 -1.25
C LEU B 137 -12.58 -21.33 -2.11
N TYR B 138 -12.17 -20.11 -2.43
CA TYR B 138 -10.99 -19.86 -3.25
C TYR B 138 -10.07 -18.81 -2.63
N GLY B 139 -8.78 -18.93 -2.93
CA GLY B 139 -7.84 -17.83 -2.70
C GLY B 139 -8.03 -16.84 -3.85
N HIS B 140 -7.86 -15.56 -3.55
CA HIS B 140 -7.92 -14.47 -4.55
C HIS B 140 -7.06 -14.80 -5.78
N ARG B 141 -5.85 -15.31 -5.56
CA ARG B 141 -4.94 -15.66 -6.67
C ARG B 141 -5.45 -16.67 -7.69
N GLN B 142 -6.45 -17.47 -7.33
CA GLN B 142 -7.02 -18.44 -8.27
C GLN B 142 -7.92 -17.75 -9.30
N LEU B 143 -8.39 -16.55 -9.01
CA LEU B 143 -9.36 -15.84 -9.83
C LEU B 143 -8.83 -14.52 -10.45
N SER B 144 -7.64 -14.12 -10.03
CA SER B 144 -7.07 -12.84 -10.39
C SER B 144 -5.54 -12.98 -10.32
N ALA B 145 -4.83 -12.16 -11.10
CA ALA B 145 -3.37 -12.23 -11.17
C ALA B 145 -2.78 -11.49 -9.96
N THR B 146 -2.51 -12.23 -8.89
CA THR B 146 -2.12 -11.60 -7.64
C THR B 146 -1.45 -12.56 -6.68
N GLU B 147 -0.68 -11.99 -5.75
CA GLU B 147 -0.14 -12.75 -4.63
C GLU B 147 -1.20 -13.08 -3.56
N SER B 148 -2.22 -12.24 -3.48
CA SER B 148 -3.30 -12.36 -2.49
C SER B 148 -3.91 -13.76 -2.49
N PRO B 149 -4.18 -14.32 -1.29
CA PRO B 149 -4.09 -13.81 0.08
C PRO B 149 -2.75 -13.99 0.79
N GLY B 150 -1.68 -14.18 0.03
CA GLY B 150 -0.36 -14.42 0.62
C GLY B 150 -0.10 -15.92 0.70
N GLU B 151 1.10 -16.33 0.32
CA GLU B 151 1.48 -17.73 0.26
C GLU B 151 1.12 -18.53 1.53
N GLU B 152 1.42 -17.99 2.71
CA GLU B 152 1.22 -18.71 3.98
C GLU B 152 -0.25 -18.84 4.30
N LEU B 153 -1.03 -17.81 3.98
CA LEU B 153 -2.48 -17.90 4.17
C LEU B 153 -3.09 -18.85 3.13
N TYR B 154 -2.63 -18.75 1.89
CA TYR B 154 -3.13 -19.64 0.84
C TYR B 154 -2.85 -21.11 1.15
N LYS B 155 -1.65 -21.41 1.62
CA LYS B 155 -1.33 -22.80 1.97
C LYS B 155 -2.28 -23.32 3.06
N ILE B 156 -2.71 -22.45 3.96
CA ILE B 156 -3.65 -22.86 5.02
C ILE B 156 -5.05 -23.14 4.45
N ILE B 157 -5.61 -22.22 3.69
CA ILE B 157 -6.98 -22.37 3.20
C ILE B 157 -7.11 -23.49 2.14
N LYS B 158 -6.02 -23.80 1.42
CA LYS B 158 -6.00 -24.95 0.51
C LYS B 158 -6.34 -26.28 1.21
N LYS B 159 -6.14 -26.36 2.52
CA LYS B 159 -6.46 -27.56 3.30
C LYS B 159 -7.83 -27.52 3.98
N TRP B 160 -8.59 -26.45 3.75
CA TRP B 160 -9.95 -26.34 4.28
C TRP B 160 -10.93 -27.14 3.41
N PRO B 161 -11.93 -27.76 4.05
CA PRO B 161 -12.80 -28.69 3.31
C PRO B 161 -13.56 -28.06 2.14
N HIS B 162 -13.92 -26.78 2.24
CA HIS B 162 -14.65 -26.13 1.15
C HIS B 162 -13.77 -25.63 0.00
N TRP B 163 -12.44 -25.72 0.16
CA TRP B 163 -11.54 -25.23 -0.87
C TRP B 163 -11.80 -25.96 -2.19
N SER B 164 -11.76 -25.22 -3.30
CA SER B 164 -11.94 -25.79 -4.63
C SER B 164 -10.89 -25.23 -5.58
N HIS B 165 -10.45 -26.06 -6.54
CA HIS B 165 -9.63 -25.58 -7.66
C HIS B 165 -10.40 -25.53 -8.97
N GLU B 166 -11.72 -25.66 -8.89
CA GLU B 166 -12.59 -25.54 -10.05
C GLU B 166 -13.34 -24.22 -9.99
C1 NAG C . 0.05 15.80 -13.96
C2 NAG C . 0.14 17.30 -13.69
C3 NAG C . -0.80 18.05 -14.66
C4 NAG C . -0.51 17.62 -16.09
C5 NAG C . -0.70 16.11 -16.18
C6 NAG C . -0.52 15.57 -17.60
C7 NAG C . 0.48 18.06 -11.35
C8 NAG C . 1.92 18.24 -11.63
N2 NAG C . -0.28 17.57 -12.33
O3 NAG C . -0.64 19.44 -14.50
O4 NAG C . -1.37 18.30 -16.99
O5 NAG C . 0.24 15.49 -15.33
O6 NAG C . 0.80 15.85 -18.04
O7 NAG C . 0.04 18.34 -10.22
C1 HSQ D . 16.54 30.29 -9.50
C2 HSQ D . 16.55 30.94 -8.13
C3 HSQ D . 15.54 32.10 -7.97
C4 HSQ D . 14.74 32.53 -9.21
C5 HSQ D . 14.68 31.48 -10.33
C6 HSQ D . 13.29 31.25 -10.92
C7 HSQ D . 16.63 29.99 -5.85
C8 HSQ D . 15.75 30.82 -4.95
N2 HSQ D . 16.26 29.91 -7.14
O3 HSQ D . 16.24 33.25 -7.48
O4 HSQ D . 13.45 32.92 -8.80
O5 HSQ D . 15.18 30.25 -9.89
O6 HSQ D . 13.43 30.37 -12.02
O7 HSQ D . 17.63 29.40 -5.40
S SO4 E . 17.70 -1.77 13.93
O1 SO4 E . 19.10 -1.49 13.59
O2 SO4 E . 16.87 -1.78 12.72
O3 SO4 E . 17.21 -0.76 14.84
O4 SO4 E . 17.63 -3.08 14.56
S SO4 F . -19.32 -16.84 -13.18
O1 SO4 F . -18.58 -15.92 -14.04
O2 SO4 F . -20.33 -17.57 -13.95
O3 SO4 F . -20.00 -16.08 -12.12
O4 SO4 F . -18.39 -17.80 -12.59
CAA MLD G . 1.08 -8.80 -1.63
CAB MLD G . -0.07 -8.75 -2.64
OAC MLD G . -1.10 -9.37 -2.44
N2 MLD G . 0.16 -7.97 -3.70
C2 MLD G . -0.78 -7.80 -4.80
C3 MLD G . -0.01 -8.10 -6.10
O3 MLD G . 0.53 -9.43 -6.12
C4 MLD G . -0.86 -7.78 -7.32
O4 MLD G . -0.02 -7.89 -8.45
C5 MLD G . -1.39 -6.35 -7.22
C6 MLD G . -2.37 -5.92 -8.33
O6 MLD G . -2.58 -4.48 -8.21
O5 MLD G . -2.15 -6.25 -6.01
C1 MLD G . -1.32 -6.39 -4.83
O1 MLD G . -2.13 -6.19 -3.70
CA4 MLD G . -2.51 -4.80 -3.54
CA5 MLD G . -1.41 -3.86 -3.04
OA5 MLD G . -1.73 -3.20 -1.77
CA6 MLD G . -1.56 -2.73 -4.00
OA6 MLD G . -2.63 -1.97 -3.48
CA1 MLD G . -2.91 -2.47 -2.13
CA2 MLD G . -4.11 -3.43 -2.22
NAD MLD G . -4.83 -3.45 -0.93
CAE MLD G . -6.12 -3.18 -0.83
CAF MLD G . -6.66 -3.24 0.59
OAG MLD G . -6.85 -2.90 -1.78
CA3 MLD G . -3.66 -4.85 -2.55
OAH MLD G . -4.73 -5.65 -3.15
CAI MLD G . -5.41 -6.54 -2.22
CAJ MLD G . -4.76 -7.91 -2.16
CAL MLD G . -6.88 -6.71 -2.65
OAM MLD G . -7.57 -7.49 -2.00
N MLD G . -7.34 -6.00 -3.67
CA MLD G . -8.72 -6.04 -4.15
CB MLD G . -9.48 -4.97 -3.36
C MLD G . -8.71 -5.65 -5.65
O MLD G . -8.16 -4.60 -5.99
NAN MLD G . -9.31 -6.52 -6.45
CAO MLD G . -9.42 -6.37 -7.91
CAP MLD G . -9.01 -7.69 -8.65
OBA MLD G . -9.44 -7.81 -9.80
OAQ MLD G . -8.32 -8.55 -8.06
CBB MLD G . -10.90 -6.17 -8.27
CBC MLD G . -11.50 -4.86 -7.82
CBD MLD G . -12.94 -4.77 -8.33
OBE MLD G . -13.61 -5.79 -8.56
NBF MLD G . -13.42 -3.55 -8.49
CBG MLD G . -14.78 -3.29 -8.97
CBH MLD G . -14.90 -3.74 -10.44
OBI MLD G . -14.03 -3.46 -11.27
NBJ MLD G . -15.99 -4.46 -10.72
CBK MLD G . -16.33 -4.96 -12.08
CBL MLD G . -17.72 -4.44 -12.45
CBM MLD G . -16.34 -6.49 -12.20
OBO MLD G . -16.55 -7.17 -11.16
OBN MLD G . -16.14 -6.97 -13.34
CBP MLD G . -15.09 -1.80 -8.78
CBQ MLD G . -16.60 -1.52 -8.88
CBR MLD G . -16.91 -0.06 -8.53
CBS MLD G . -18.36 0.16 -8.08
CBT MLD G . -18.54 -0.42 -6.67
OBV MLD G . -18.03 0.23 -5.73
OBU MLD G . -19.20 -1.47 -6.55
NBW MLD G . -19.28 -0.50 -9.02
C1 CIT H . -8.49 -4.49 22.55
O1 CIT H . -8.53 -3.25 22.68
O2 CIT H . -8.97 -5.00 21.52
C2 CIT H . -7.83 -5.33 23.61
C3 CIT H . -7.90 -6.83 23.33
O7 CIT H . -9.30 -7.24 23.29
C4 CIT H . -7.11 -7.53 24.44
C5 CIT H . -7.16 -9.05 24.41
O3 CIT H . -6.32 -9.72 25.07
O4 CIT H . -8.03 -9.67 23.77
C6 CIT H . -7.27 -7.11 21.97
O5 CIT H . -6.11 -6.67 21.77
O6 CIT H . -7.92 -7.74 21.09
#